data_3LJK
#
_entry.id   3LJK
#
_cell.length_a   115.064
_cell.length_b   115.064
_cell.length_c   84.455
_cell.angle_alpha   90.000
_cell.angle_beta   90.000
_cell.angle_gamma   120.000
#
_symmetry.space_group_name_H-M   'P 32 2 1'
#
loop_
_entity.id
_entity.type
_entity.pdbx_description
1 polymer 'Glucose-6-phosphate isomerase'
2 non-polymer '2-(N-MORPHOLINO)-ETHANESULFONIC ACID'
3 non-polymer GLYCEROL
4 non-polymer 'ISOPROPYL ALCOHOL'
5 non-polymer 'CALCIUM ION'
6 water water
#
_entity_poly.entity_id   1
_entity_poly.type   'polypeptide(L)'
_entity_poly.pdbx_seq_one_letter_code
;SNA(MSE)LFCDDSKKYLKEQNINLKNEFDKDDKRVEKFSLKHQNIYFDYSKNLINDYILKSLLESAEKSSLKDKIKQ
(MSE)FNGAKINSTEHRAVLHTALRDLSSTPLIVDGQDIRQEVTKEKQRVKELVEKVVSGRWRGFSGKKITDIVNIGIGG
SDLGPK(MSE)VVRALQPYHCTDLKVHFVSNVDADSLLQALHVVDPETTLLIIASKSFSTEETLLNSISAREWLLDHYED
EKAVANHFVAISSKLDKVKEFGIDLEHCYK(MSE)WDWVGGRYSLWSSIG(MSE)SIAFAIGYDNFEKLLAGAYSVDKHF
KETEFSKNIPVI(MSE)ALLASYYSCTYNSQSQALLPYDERLCYFVDYLQQAD(MSE)ESNGKSVNIAGETVNYQTGVVL
WGGVGTNGQHAFHQLLHQGNIFIPVDFIAIATSHHNYDNHQQALLANCFAQSQAL(MSE)FGQSYD(MSE)VYNELLKSG
LNETQAKELAAHKVIPGNRPSTTILLDELSPYSLGALIALYEHKIFVQGVLWDINSYDQWGVELGKKLGKNILKA(MSE)
NDDSSDEYQNLDDSTRQLIAKVKNK
;
_entity_poly.pdbx_strand_id   A
#
# COMPACT_ATOMS: atom_id res chain seq x y z
N SER A 1 7.07 -26.89 -10.90
CA SER A 1 6.74 -26.34 -12.24
C SER A 1 8.02 -26.17 -13.05
N ASN A 2 7.89 -25.68 -14.29
CA ASN A 2 9.07 -25.49 -15.17
C ASN A 2 9.68 -24.10 -15.02
N ALA A 3 9.11 -23.29 -14.15
CA ALA A 3 9.59 -21.91 -14.00
C ALA A 3 10.99 -21.88 -13.36
N LEU A 5 13.80 -21.14 -10.86
CA LEU A 5 13.79 -21.02 -9.39
C LEU A 5 14.62 -19.80 -9.03
N PHE A 6 14.02 -18.80 -8.37
CA PHE A 6 14.76 -17.66 -7.89
C PHE A 6 15.62 -17.99 -6.68
N CYS A 7 15.00 -18.54 -5.62
CA CYS A 7 15.74 -18.87 -4.41
CA CYS A 7 15.67 -18.94 -4.39
C CYS A 7 16.42 -20.22 -4.56
N ASP A 8 17.57 -20.17 -5.22
CA ASP A 8 18.34 -21.36 -5.53
C ASP A 8 19.67 -21.37 -4.78
N ASP A 9 20.44 -22.45 -4.94
CA ASP A 9 21.73 -22.53 -4.27
C ASP A 9 22.69 -21.41 -4.60
N SER A 10 22.65 -20.90 -5.82
CA SER A 10 23.56 -19.83 -6.23
C SER A 10 23.40 -18.61 -5.35
N LYS A 11 22.17 -18.33 -4.91
CA LYS A 11 21.95 -17.09 -4.14
C LYS A 11 22.77 -17.04 -2.83
N LYS A 12 23.00 -18.19 -2.22
CA LYS A 12 23.80 -18.32 -1.00
CA LYS A 12 23.81 -18.29 -0.98
C LYS A 12 25.29 -17.95 -1.23
N TYR A 13 25.81 -18.28 -2.40
CA TYR A 13 27.19 -17.96 -2.74
CA TYR A 13 27.18 -17.99 -2.74
C TYR A 13 27.42 -16.47 -2.94
N LEU A 14 26.35 -15.76 -3.30
CA LEU A 14 26.43 -14.33 -3.37
C LEU A 14 26.70 -13.75 -1.97
N LYS A 15 26.03 -14.26 -0.95
CA LYS A 15 26.14 -13.71 0.41
C LYS A 15 27.53 -13.98 1.01
N GLU A 16 28.18 -15.06 0.55
CA GLU A 16 29.60 -15.35 0.88
C GLU A 16 30.61 -14.32 0.37
N GLN A 17 30.17 -13.40 -0.47
CA GLN A 17 31.00 -12.24 -0.79
C GLN A 17 31.35 -11.43 0.47
N ASN A 18 30.55 -11.58 1.55
CA ASN A 18 30.81 -10.90 2.81
CA ASN A 18 30.73 -10.87 2.83
C ASN A 18 30.96 -9.37 2.66
N ILE A 19 29.95 -8.75 2.06
CA ILE A 19 30.02 -7.32 1.79
C ILE A 19 30.14 -6.55 3.10
N ASN A 20 31.11 -5.63 3.13
CA ASN A 20 31.27 -4.68 4.22
C ASN A 20 31.05 -3.28 3.64
N LEU A 21 29.96 -2.64 4.04
CA LEU A 21 29.58 -1.34 3.45
C LEU A 21 30.64 -0.25 3.62
N LYS A 22 31.19 -0.12 4.82
CA LYS A 22 32.23 0.88 5.03
CA LYS A 22 32.24 0.88 5.06
C LYS A 22 33.41 0.65 4.09
N ASN A 23 33.81 -0.61 3.91
CA ASN A 23 34.98 -0.92 3.07
C ASN A 23 34.65 -0.59 1.61
N GLU A 24 33.43 -0.90 1.19
CA GLU A 24 33.02 -0.65 -0.19
C GLU A 24 33.03 0.83 -0.52
N PHE A 25 32.48 1.69 0.36
CA PHE A 25 32.48 3.13 0.14
C PHE A 25 33.90 3.73 0.19
N ASP A 26 34.74 3.15 1.05
CA ASP A 26 36.15 3.56 1.12
CA ASP A 26 36.15 3.53 1.15
C ASP A 26 36.93 3.24 -0.13
N LYS A 27 36.70 2.08 -0.72
CA LYS A 27 37.47 1.54 -1.87
CA LYS A 27 37.54 1.66 -1.84
C LYS A 27 36.97 1.98 -3.22
N ASP A 28 35.67 2.21 -3.31
CA ASP A 28 34.95 2.40 -4.57
C ASP A 28 34.38 3.83 -4.70
N ASP A 29 35.13 4.69 -5.37
CA ASP A 29 34.66 6.08 -5.46
CA ASP A 29 34.77 6.09 -5.58
C ASP A 29 33.51 6.26 -6.45
N LYS A 30 33.08 5.17 -7.11
CA LYS A 30 31.91 5.16 -8.01
CA LYS A 30 31.89 5.23 -7.97
C LYS A 30 30.70 4.47 -7.37
N ARG A 31 30.77 4.17 -6.08
CA ARG A 31 29.71 3.35 -5.50
C ARG A 31 28.32 3.95 -5.67
N VAL A 32 28.19 5.24 -5.39
CA VAL A 32 26.89 5.92 -5.49
C VAL A 32 26.42 5.97 -6.93
N GLU A 33 27.30 6.34 -7.87
CA GLU A 33 26.96 6.35 -9.29
C GLU A 33 26.46 4.98 -9.75
N LYS A 34 27.14 3.91 -9.31
CA LYS A 34 26.76 2.57 -9.74
C LYS A 34 25.39 2.14 -9.18
N PHE A 35 25.14 2.50 -7.93
CA PHE A 35 24.00 1.97 -7.17
C PHE A 35 23.00 3.05 -6.77
N SER A 36 22.68 3.89 -7.74
CA SER A 36 21.60 4.86 -7.63
C SER A 36 20.96 5.06 -9.01
N LEU A 37 19.72 5.51 -9.00
CA LEU A 37 18.95 5.77 -10.21
C LEU A 37 18.09 7.01 -9.97
N LYS A 38 17.71 7.64 -11.07
CA LYS A 38 16.78 8.77 -11.05
C LYS A 38 15.61 8.49 -11.96
N HIS A 39 14.43 8.84 -11.50
CA HIS A 39 13.24 8.92 -12.38
C HIS A 39 12.60 10.26 -12.13
N GLN A 40 12.78 11.17 -13.08
CA GLN A 40 12.26 12.51 -13.00
C GLN A 40 12.85 13.09 -11.74
N ASN A 41 12.02 13.54 -10.84
CA ASN A 41 12.49 14.14 -9.60
C ASN A 41 12.47 13.20 -8.38
N ILE A 42 12.48 11.88 -8.62
CA ILE A 42 12.72 10.84 -7.57
C ILE A 42 14.15 10.33 -7.72
N TYR A 43 14.87 10.34 -6.62
CA TYR A 43 16.21 9.79 -6.54
C TYR A 43 16.16 8.53 -5.69
N PHE A 44 16.60 7.45 -6.28
CA PHE A 44 16.62 6.13 -5.68
C PHE A 44 18.02 5.67 -5.36
N ASP A 45 18.37 5.74 -4.07
CA ASP A 45 19.72 5.43 -3.64
C ASP A 45 19.74 4.10 -2.95
N TYR A 46 20.25 3.07 -3.65
CA TYR A 46 20.36 1.74 -3.06
C TYR A 46 21.78 1.34 -2.72
N SER A 47 22.63 2.34 -2.62
CA SER A 47 24.07 2.09 -2.43
C SER A 47 24.45 1.59 -1.02
N LYS A 48 23.60 1.77 0.00
CA LYS A 48 23.84 1.21 1.33
C LYS A 48 23.29 -0.23 1.46
N ASN A 49 22.93 -0.87 0.33
CA ASN A 49 22.56 -2.30 0.39
C ASN A 49 23.79 -3.21 0.32
N LEU A 50 23.62 -4.44 0.83
CA LEU A 50 24.71 -5.43 0.93
C LEU A 50 24.97 -6.10 -0.43
N ILE A 51 25.41 -5.28 -1.39
CA ILE A 51 25.69 -5.72 -2.75
C ILE A 51 27.02 -5.14 -3.20
N ASN A 52 27.57 -5.76 -4.24
CA ASN A 52 28.64 -5.21 -5.05
C ASN A 52 28.29 -5.52 -6.51
N ASP A 53 29.17 -5.17 -7.41
CA ASP A 53 28.89 -5.39 -8.83
C ASP A 53 28.50 -6.85 -9.14
N TYR A 54 29.21 -7.79 -8.56
CA TYR A 54 29.01 -9.20 -8.82
C TYR A 54 27.66 -9.69 -8.34
N ILE A 55 27.28 -9.29 -7.13
CA ILE A 55 25.97 -9.67 -6.62
C ILE A 55 24.87 -9.07 -7.47
N LEU A 56 24.97 -7.78 -7.81
CA LEU A 56 23.90 -7.13 -8.58
C LEU A 56 23.79 -7.77 -9.94
N LYS A 57 24.92 -8.01 -10.58
CA LYS A 57 24.94 -8.69 -11.90
CA LYS A 57 24.87 -8.64 -11.90
C LYS A 57 24.24 -10.01 -11.84
N SER A 58 24.52 -10.78 -10.80
CA SER A 58 23.93 -12.12 -10.60
CA SER A 58 23.94 -12.10 -10.67
C SER A 58 22.41 -12.02 -10.47
N LEU A 59 21.98 -11.08 -9.63
CA LEU A 59 20.55 -10.88 -9.46
C LEU A 59 19.85 -10.45 -10.75
N LEU A 60 20.45 -9.50 -11.47
CA LEU A 60 19.89 -9.03 -12.74
C LEU A 60 19.83 -10.18 -13.74
N GLU A 61 20.83 -11.08 -13.74
CA GLU A 61 20.79 -12.23 -14.64
C GLU A 61 19.62 -13.11 -14.34
N SER A 62 19.28 -13.29 -13.05
CA SER A 62 18.07 -14.03 -12.67
C SER A 62 16.83 -13.37 -13.21
N ALA A 63 16.73 -12.05 -13.11
CA ALA A 63 15.59 -11.35 -13.70
C ALA A 63 15.53 -11.56 -15.20
N GLU A 64 16.67 -11.44 -15.87
CA GLU A 64 16.72 -11.63 -17.34
C GLU A 64 16.36 -13.04 -17.78
N LYS A 65 16.72 -14.05 -16.97
CA LYS A 65 16.41 -15.45 -17.30
CA LYS A 65 16.44 -15.44 -17.31
C LYS A 65 14.97 -15.84 -16.99
N SER A 66 14.29 -15.04 -16.18
CA SER A 66 12.95 -15.33 -15.72
C SER A 66 11.92 -14.98 -16.79
N SER A 67 10.64 -15.21 -16.47
CA SER A 67 9.55 -14.81 -17.35
CA SER A 67 9.53 -14.81 -17.34
C SER A 67 9.19 -13.32 -17.28
N LEU A 68 9.96 -12.53 -16.53
CA LEU A 68 9.59 -11.17 -16.23
C LEU A 68 9.35 -10.30 -17.46
N LYS A 69 10.24 -10.32 -18.44
CA LYS A 69 10.04 -9.49 -19.65
C LYS A 69 8.68 -9.78 -20.31
N ASP A 70 8.37 -11.07 -20.45
CA ASP A 70 7.08 -11.50 -21.04
CA ASP A 70 7.09 -11.41 -21.07
C ASP A 70 5.89 -11.08 -20.16
N LYS A 71 6.05 -11.26 -18.84
CA LYS A 71 4.97 -10.95 -17.92
CA LYS A 71 4.97 -10.96 -17.90
C LYS A 71 4.64 -9.47 -17.88
N ILE A 72 5.65 -8.60 -17.99
CA ILE A 72 5.38 -7.16 -18.05
C ILE A 72 4.50 -6.81 -19.27
N LYS A 73 4.86 -7.37 -20.43
CA LYS A 73 4.08 -7.17 -21.64
CA LYS A 73 4.09 -7.18 -21.66
C LYS A 73 2.65 -7.69 -21.46
N GLN A 74 2.54 -8.89 -20.88
CA GLN A 74 1.25 -9.53 -20.69
C GLN A 74 0.35 -8.70 -19.76
N PHE A 76 0.41 -5.40 -19.22
CA PHE A 76 -0.06 -4.15 -19.87
C PHE A 76 -1.00 -4.42 -21.02
N ASN A 77 -0.85 -5.55 -21.70
CA ASN A 77 -1.68 -5.87 -22.86
C ASN A 77 -3.01 -6.53 -22.51
N GLY A 78 -3.27 -6.75 -21.23
CA GLY A 78 -4.55 -7.33 -20.83
C GLY A 78 -4.64 -8.83 -20.86
N ALA A 79 -3.51 -9.53 -20.90
CA ALA A 79 -3.56 -10.98 -20.76
C ALA A 79 -4.07 -11.35 -19.36
N LYS A 80 -4.68 -12.53 -19.26
CA LYS A 80 -5.34 -12.95 -18.03
C LYS A 80 -4.32 -13.56 -17.06
N ILE A 81 -3.41 -12.69 -16.58
CA ILE A 81 -2.31 -13.10 -15.69
C ILE A 81 -2.74 -13.40 -14.25
N ASN A 82 -3.97 -12.99 -13.90
CA ASN A 82 -4.62 -13.46 -12.68
C ASN A 82 -5.24 -14.80 -13.04
N SER A 83 -4.41 -15.83 -12.97
CA SER A 83 -4.75 -17.09 -13.62
C SER A 83 -5.70 -17.95 -12.84
N THR A 84 -5.87 -17.75 -11.54
CA THR A 84 -6.82 -18.54 -10.79
C THR A 84 -8.25 -18.04 -10.92
N GLU A 85 -8.41 -16.75 -11.16
CA GLU A 85 -9.71 -16.10 -11.38
C GLU A 85 -9.96 -15.88 -12.88
N HIS A 86 -8.97 -16.16 -13.74
CA HIS A 86 -9.09 -15.95 -15.18
C HIS A 86 -9.44 -14.48 -15.52
N ARG A 87 -8.63 -13.59 -14.97
CA ARG A 87 -8.85 -12.16 -15.08
C ARG A 87 -7.60 -11.46 -15.56
N ALA A 88 -7.79 -10.36 -16.30
CA ALA A 88 -6.73 -9.41 -16.58
C ALA A 88 -6.40 -8.61 -15.33
N VAL A 89 -5.26 -7.92 -15.37
CA VAL A 89 -4.74 -7.14 -14.25
C VAL A 89 -4.33 -5.80 -14.84
N LEU A 90 -5.28 -4.85 -14.78
CA LEU A 90 -5.20 -3.64 -15.60
C LEU A 90 -5.39 -2.37 -14.78
N HIS A 91 -4.91 -2.38 -13.51
CA HIS A 91 -4.82 -1.11 -12.78
C HIS A 91 -3.98 -0.06 -13.54
N THR A 92 -2.95 -0.50 -14.29
CA THR A 92 -2.20 0.40 -15.13
C THR A 92 -3.08 1.18 -16.10
N ALA A 93 -4.09 0.52 -16.66
CA ALA A 93 -4.95 1.19 -17.66
C ALA A 93 -5.74 2.37 -17.07
N LEU A 94 -5.98 2.32 -15.75
CA LEU A 94 -6.72 3.37 -15.05
C LEU A 94 -6.05 4.72 -15.18
N ARG A 95 -4.71 4.72 -15.31
CA ARG A 95 -3.93 5.99 -15.35
C ARG A 95 -3.22 6.18 -16.68
N ASP A 96 -3.59 5.43 -17.72
CA ASP A 96 -2.91 5.52 -18.99
C ASP A 96 -2.99 6.92 -19.62
N LEU A 97 -1.85 7.34 -20.14
CA LEU A 97 -1.73 8.55 -20.99
C LEU A 97 -1.19 8.23 -22.38
N SER A 98 -0.84 6.96 -22.66
CA SER A 98 -0.27 6.58 -23.98
C SER A 98 -1.32 6.60 -25.11
N SER A 99 -2.56 6.26 -24.77
CA SER A 99 -3.67 6.16 -25.71
CA SER A 99 -3.67 6.13 -25.70
C SER A 99 -3.49 5.05 -26.77
N THR A 100 -2.62 4.07 -26.51
CA THR A 100 -2.46 2.99 -27.49
C THR A 100 -3.67 2.09 -27.51
N PRO A 101 -3.91 1.37 -28.60
CA PRO A 101 -5.09 0.51 -28.65
C PRO A 101 -5.09 -0.55 -27.57
N LEU A 102 -6.21 -0.73 -26.88
CA LEU A 102 -6.32 -1.76 -25.86
C LEU A 102 -7.78 -2.25 -25.83
N ILE A 103 -7.99 -3.43 -26.40
CA ILE A 103 -9.31 -4.06 -26.50
CA ILE A 103 -9.31 -4.06 -26.38
C ILE A 103 -9.16 -5.38 -25.70
N VAL A 104 -9.92 -5.52 -24.64
CA VAL A 104 -9.82 -6.68 -23.72
C VAL A 104 -11.22 -7.19 -23.41
N ASP A 105 -11.47 -8.47 -23.71
CA ASP A 105 -12.79 -9.12 -23.54
CA ASP A 105 -12.77 -9.04 -23.40
C ASP A 105 -13.89 -8.23 -24.05
N GLY A 106 -13.70 -7.79 -25.29
CA GLY A 106 -14.75 -7.03 -25.99
C GLY A 106 -14.86 -5.56 -25.67
N GLN A 107 -14.16 -5.09 -24.64
CA GLN A 107 -14.30 -3.68 -24.29
CA GLN A 107 -14.19 -3.71 -24.12
C GLN A 107 -13.07 -2.91 -24.74
N ASP A 108 -13.33 -1.71 -25.23
CA ASP A 108 -12.30 -0.76 -25.55
C ASP A 108 -11.92 -0.09 -24.22
N ILE A 109 -10.83 -0.56 -23.64
CA ILE A 109 -10.43 -0.15 -22.29
C ILE A 109 -10.17 1.36 -22.22
N ARG A 110 -9.58 1.91 -23.30
CA ARG A 110 -9.33 3.35 -23.33
C ARG A 110 -10.63 4.13 -23.23
N GLN A 111 -11.62 3.72 -24.01
CA GLN A 111 -12.90 4.44 -23.97
C GLN A 111 -13.58 4.25 -22.62
N GLU A 112 -13.54 3.03 -22.10
CA GLU A 112 -14.26 2.80 -20.86
CA GLU A 112 -14.17 2.66 -20.79
C GLU A 112 -13.63 3.55 -19.68
N VAL A 113 -12.32 3.58 -19.57
CA VAL A 113 -11.64 4.33 -18.53
C VAL A 113 -11.99 5.83 -18.64
N THR A 114 -11.86 6.37 -19.85
CA THR A 114 -12.09 7.79 -20.09
C THR A 114 -13.51 8.23 -19.81
N LYS A 115 -14.48 7.42 -20.22
CA LYS A 115 -15.87 7.79 -20.05
CA LYS A 115 -15.90 7.74 -20.04
C LYS A 115 -16.23 7.74 -18.56
N GLU A 116 -15.71 6.77 -17.85
CA GLU A 116 -15.98 6.68 -16.39
C GLU A 116 -15.38 7.88 -15.64
N LYS A 117 -14.13 8.23 -15.96
CA LYS A 117 -13.49 9.39 -15.34
CA LYS A 117 -13.48 9.40 -15.38
C LYS A 117 -14.34 10.64 -15.59
N GLN A 118 -14.90 10.78 -16.79
CA GLN A 118 -15.74 11.93 -17.05
C GLN A 118 -16.99 11.94 -16.15
N ARG A 119 -17.58 10.77 -15.89
CA ARG A 119 -18.74 10.71 -14.98
C ARG A 119 -18.35 11.15 -13.57
N VAL A 120 -17.17 10.71 -13.09
CA VAL A 120 -16.75 11.07 -11.74
C VAL A 120 -16.42 12.56 -11.66
N LYS A 121 -15.70 13.08 -12.63
CA LYS A 121 -15.39 14.49 -12.70
C LYS A 121 -16.68 15.31 -12.62
N GLU A 122 -17.69 14.92 -13.39
CA GLU A 122 -18.93 15.66 -13.42
C GLU A 122 -19.65 15.61 -12.06
N LEU A 123 -19.63 14.45 -11.41
CA LEU A 123 -20.20 14.31 -10.04
C LEU A 123 -19.51 15.25 -9.09
N VAL A 124 -18.19 15.20 -9.07
CA VAL A 124 -17.47 16.07 -8.11
C VAL A 124 -17.78 17.54 -8.39
N GLU A 125 -17.74 17.97 -9.65
CA GLU A 125 -18.04 19.37 -10.01
CA GLU A 125 -18.01 19.37 -9.94
C GLU A 125 -19.46 19.74 -9.58
N LYS A 126 -20.41 18.83 -9.81
CA LYS A 126 -21.80 19.16 -9.48
C LYS A 126 -21.94 19.36 -7.95
N VAL A 127 -21.28 18.52 -7.16
CA VAL A 127 -21.35 18.64 -5.72
C VAL A 127 -20.59 19.88 -5.19
N VAL A 128 -19.36 20.06 -5.66
CA VAL A 128 -18.51 21.16 -5.16
C VAL A 128 -19.09 22.51 -5.54
N SER A 129 -19.68 22.63 -6.73
CA SER A 129 -20.25 23.89 -7.24
C SER A 129 -21.54 24.27 -6.52
N GLY A 130 -22.11 23.35 -5.75
CA GLY A 130 -23.38 23.58 -5.10
C GLY A 130 -24.57 23.27 -5.94
N ARG A 131 -24.40 22.72 -7.16
CA ARG A 131 -25.53 22.32 -7.99
CA ARG A 131 -25.54 22.33 -7.99
C ARG A 131 -26.25 21.12 -7.41
N TRP A 132 -25.48 20.15 -6.88
CA TRP A 132 -26.11 19.03 -6.16
C TRP A 132 -26.73 19.56 -4.86
N ARG A 133 -27.99 19.25 -4.62
CA ARG A 133 -28.64 19.62 -3.35
C ARG A 133 -29.14 18.35 -2.65
N GLY A 134 -29.10 18.37 -1.34
CA GLY A 134 -29.76 17.33 -0.56
C GLY A 134 -31.26 17.41 -0.69
N PHE A 135 -31.95 16.49 -0.04
CA PHE A 135 -33.41 16.33 -0.25
C PHE A 135 -34.19 17.56 0.28
N SER A 136 -33.67 18.26 1.29
CA SER A 136 -34.24 19.56 1.75
C SER A 136 -33.75 20.79 0.99
N GLY A 137 -32.91 20.59 -0.02
CA GLY A 137 -32.50 21.69 -0.86
C GLY A 137 -31.17 22.34 -0.52
N LYS A 138 -30.41 21.77 0.42
CA LYS A 138 -29.15 22.38 0.87
C LYS A 138 -27.93 21.85 0.14
N LYS A 139 -26.92 22.72 0.03
CA LYS A 139 -25.64 22.35 -0.54
C LYS A 139 -24.91 21.36 0.39
N ILE A 140 -24.15 20.47 -0.24
CA ILE A 140 -23.36 19.47 0.48
C ILE A 140 -22.10 20.08 1.08
N THR A 141 -21.80 19.70 2.32
CA THR A 141 -20.62 20.16 3.02
C THR A 141 -19.66 19.00 3.43
N ASP A 142 -20.16 17.76 3.45
CA ASP A 142 -19.43 16.62 3.98
C ASP A 142 -19.67 15.44 3.10
N ILE A 143 -18.61 14.66 2.92
CA ILE A 143 -18.61 13.41 2.13
C ILE A 143 -18.24 12.28 3.07
N VAL A 144 -19.00 11.19 3.09
CA VAL A 144 -18.67 10.06 3.96
C VAL A 144 -18.49 8.85 3.05
N ASN A 145 -17.26 8.36 2.99
CA ASN A 145 -16.95 7.12 2.24
C ASN A 145 -17.19 5.92 3.14
N ILE A 146 -17.94 4.95 2.67
CA ILE A 146 -18.24 3.72 3.41
C ILE A 146 -17.65 2.56 2.59
N GLY A 147 -16.61 1.96 3.15
CA GLY A 147 -15.91 0.86 2.49
C GLY A 147 -14.86 0.31 3.37
N ILE A 148 -14.33 -0.88 3.04
CA ILE A 148 -13.30 -1.51 3.87
C ILE A 148 -12.24 -2.14 2.96
N GLY A 149 -11.01 -2.18 3.43
CA GLY A 149 -9.93 -2.72 2.66
C GLY A 149 -9.54 -1.84 1.50
N GLY A 150 -9.59 -2.49 0.33
N GLY A 150 -9.54 -2.34 0.26
CA GLY A 150 -9.45 -1.89 -0.96
CA GLY A 150 -9.07 -1.51 -0.86
C GLY A 150 -10.35 -0.70 -1.20
C GLY A 150 -9.70 -0.10 -1.00
N SER A 151 -11.52 -0.71 -0.56
N SER A 151 -10.98 0.01 -0.74
CA SER A 151 -12.48 0.38 -0.72
CA SER A 151 -11.69 1.23 -1.06
C SER A 151 -12.33 1.51 0.41
C SER A 151 -11.67 2.15 0.11
N ASP A 152 -11.19 1.60 1.16
CA ASP A 152 -10.91 2.48 2.29
C ASP A 152 -9.47 2.95 2.33
N LEU A 153 -8.51 2.02 2.40
CA LEU A 153 -7.14 2.38 2.76
CA LEU A 153 -7.16 2.39 2.77
C LEU A 153 -6.47 3.32 1.76
N GLY A 154 -6.65 3.07 0.46
CA GLY A 154 -5.96 3.93 -0.50
C GLY A 154 -6.50 5.33 -0.49
N PRO A 155 -7.83 5.49 -0.61
CA PRO A 155 -8.39 6.83 -0.52
C PRO A 155 -8.01 7.55 0.77
N LYS A 156 -8.14 6.89 1.91
CA LYS A 156 -7.82 7.50 3.20
C LYS A 156 -6.36 7.95 3.25
N VAL A 158 -4.31 8.65 0.74
CA VAL A 158 -4.04 9.71 -0.25
C VAL A 158 -4.63 11.04 0.22
N VAL A 159 -5.83 11.01 0.75
CA VAL A 159 -6.47 12.23 1.25
C VAL A 159 -5.58 12.86 2.33
N ARG A 160 -5.06 12.04 3.25
CA ARG A 160 -4.16 12.58 4.29
C ARG A 160 -2.84 13.07 3.69
N ALA A 161 -2.26 12.29 2.77
CA ALA A 161 -0.95 12.57 2.24
C ALA A 161 -0.95 13.89 1.45
N LEU A 162 -2.11 14.24 0.87
CA LEU A 162 -2.25 15.41 0.04
C LEU A 162 -3.09 16.49 0.74
N GLN A 163 -3.12 16.48 2.09
CA GLN A 163 -3.83 17.47 2.84
C GLN A 163 -3.54 18.93 2.46
N PRO A 164 -2.29 19.29 2.15
CA PRO A 164 -2.04 20.69 1.75
C PRO A 164 -2.78 21.13 0.49
N TYR A 165 -3.22 20.16 -0.30
CA TYR A 165 -3.89 20.36 -1.60
C TYR A 165 -5.42 20.32 -1.48
N HIS A 166 -5.94 20.12 -0.27
CA HIS A 166 -7.41 20.14 -0.15
C HIS A 166 -7.95 21.51 -0.59
N CYS A 167 -9.02 21.50 -1.38
CA CYS A 167 -9.48 22.73 -2.00
C CYS A 167 -10.95 22.81 -2.40
N THR A 168 -11.77 21.88 -1.91
CA THR A 168 -13.15 21.80 -2.35
C THR A 168 -14.12 22.33 -1.34
N ASP A 169 -13.61 22.73 -0.16
CA ASP A 169 -14.47 23.10 1.00
CA ASP A 169 -14.44 23.08 1.02
C ASP A 169 -15.38 21.97 1.50
N LEU A 170 -15.09 20.73 1.09
CA LEU A 170 -15.79 19.57 1.64
C LEU A 170 -14.90 18.90 2.67
N LYS A 171 -15.50 18.39 3.73
CA LYS A 171 -14.77 17.52 4.67
C LYS A 171 -15.11 16.09 4.31
N VAL A 172 -14.09 15.26 4.20
CA VAL A 172 -14.20 13.87 3.77
C VAL A 172 -13.87 12.96 4.96
N HIS A 173 -14.76 12.04 5.21
CA HIS A 173 -14.74 11.13 6.33
C HIS A 173 -14.75 9.67 5.82
N PHE A 174 -14.09 8.78 6.55
CA PHE A 174 -13.93 7.39 6.16
C PHE A 174 -14.51 6.46 7.22
N VAL A 175 -15.52 5.69 6.85
CA VAL A 175 -16.19 4.71 7.68
C VAL A 175 -15.83 3.35 7.09
N SER A 176 -15.40 2.41 7.93
CA SER A 176 -14.88 1.17 7.41
C SER A 176 -15.20 -0.05 8.31
N ASN A 177 -14.63 -0.09 9.51
CA ASN A 177 -14.83 -1.19 10.41
C ASN A 177 -16.32 -1.46 10.66
N VAL A 178 -16.72 -2.71 10.85
CA VAL A 178 -18.05 -2.99 11.34
C VAL A 178 -18.24 -2.48 12.77
N ASP A 179 -17.17 -2.39 13.56
CA ASP A 179 -17.22 -1.74 14.88
C ASP A 179 -17.91 -0.39 14.68
N ALA A 180 -19.06 -0.20 15.31
CA ALA A 180 -19.88 0.99 15.05
C ALA A 180 -19.18 2.28 15.47
N ASP A 181 -18.13 2.19 16.28
CA ASP A 181 -17.34 3.39 16.55
C ASP A 181 -16.93 4.07 15.23
N SER A 182 -16.60 3.32 14.17
CA SER A 182 -16.21 3.92 12.90
C SER A 182 -17.33 4.78 12.31
N LEU A 183 -18.50 4.20 12.15
CA LEU A 183 -19.66 4.95 11.64
C LEU A 183 -19.96 6.17 12.52
N LEU A 184 -19.93 5.97 13.85
CA LEU A 184 -20.27 7.02 14.79
C LEU A 184 -19.34 8.19 14.75
N GLN A 185 -18.07 7.96 14.47
CA GLN A 185 -17.15 9.10 14.41
C GLN A 185 -17.54 10.04 13.29
N ALA A 186 -18.06 9.50 12.20
CA ALA A 186 -18.58 10.34 11.12
C ALA A 186 -19.92 10.93 11.49
N LEU A 187 -20.87 10.10 11.89
CA LEU A 187 -22.22 10.60 12.14
C LEU A 187 -22.28 11.67 13.23
N HIS A 188 -21.39 11.61 14.20
CA HIS A 188 -21.35 12.63 15.27
C HIS A 188 -21.07 14.04 14.80
N VAL A 189 -20.45 14.15 13.64
CA VAL A 189 -19.99 15.47 13.14
C VAL A 189 -20.56 15.88 11.79
N VAL A 190 -21.53 15.10 11.28
CA VAL A 190 -22.20 15.44 9.99
C VAL A 190 -23.69 15.59 10.17
N ASP A 191 -24.30 16.34 9.25
CA ASP A 191 -25.74 16.67 9.23
C ASP A 191 -26.35 15.90 8.06
N PRO A 192 -27.43 15.13 8.29
CA PRO A 192 -28.01 14.36 7.19
C PRO A 192 -28.39 15.26 5.99
N GLU A 193 -28.78 16.53 6.23
CA GLU A 193 -29.21 17.36 5.13
CA GLU A 193 -29.22 17.39 5.16
C GLU A 193 -28.11 17.88 4.24
N THR A 194 -26.87 17.79 4.70
CA THR A 194 -25.73 18.34 3.98
C THR A 194 -24.61 17.34 3.73
N THR A 195 -24.92 16.03 3.82
CA THR A 195 -23.94 14.98 3.64
C THR A 195 -24.23 14.09 2.45
N LEU A 196 -23.22 13.77 1.67
CA LEU A 196 -23.32 12.82 0.58
C LEU A 196 -22.45 11.62 0.97
N LEU A 197 -23.06 10.44 0.96
CA LEU A 197 -22.40 9.21 1.35
C LEU A 197 -22.13 8.34 0.11
N ILE A 198 -20.97 7.67 0.13
CA ILE A 198 -20.50 6.82 -0.96
C ILE A 198 -20.45 5.40 -0.43
N ILE A 199 -21.16 4.46 -1.05
CA ILE A 199 -21.07 3.04 -0.71
C ILE A 199 -20.14 2.37 -1.72
N ALA A 200 -18.95 2.02 -1.28
CA ALA A 200 -17.94 1.40 -2.12
C ALA A 200 -17.92 -0.09 -1.87
N SER A 201 -18.60 -0.85 -2.71
CA SER A 201 -18.83 -2.29 -2.50
C SER A 201 -19.16 -2.99 -3.80
N LYS A 202 -18.18 -3.75 -4.30
CA LYS A 202 -18.29 -4.41 -5.61
C LYS A 202 -19.58 -5.15 -5.81
N SER A 203 -19.91 -6.01 -4.84
CA SER A 203 -21.09 -6.84 -4.94
C SER A 203 -22.24 -6.47 -4.02
N PHE A 204 -22.04 -5.37 -3.27
CA PHE A 204 -22.99 -4.93 -2.25
CA PHE A 204 -22.99 -4.96 -2.24
C PHE A 204 -23.18 -6.06 -1.23
N SER A 205 -22.13 -6.91 -1.05
CA SER A 205 -22.22 -8.07 -0.16
C SER A 205 -21.17 -8.10 0.94
N THR A 206 -20.16 -7.24 0.88
CA THR A 206 -19.13 -7.22 1.95
C THR A 206 -19.83 -6.91 3.25
N GLU A 207 -19.64 -7.78 4.25
CA GLU A 207 -20.44 -7.72 5.48
C GLU A 207 -20.37 -6.38 6.16
N GLU A 208 -19.15 -5.89 6.41
CA GLU A 208 -19.03 -4.67 7.19
C GLU A 208 -19.70 -3.49 6.48
N THR A 209 -19.48 -3.41 5.18
CA THR A 209 -19.98 -2.33 4.37
C THR A 209 -21.49 -2.40 4.28
N LEU A 210 -22.04 -3.61 4.23
CA LEU A 210 -23.48 -3.78 4.19
C LEU A 210 -24.09 -3.26 5.51
N LEU A 211 -23.56 -3.68 6.66
CA LEU A 211 -24.10 -3.22 7.94
C LEU A 211 -23.96 -1.69 8.11
N ASN A 212 -22.81 -1.15 7.71
CA ASN A 212 -22.56 0.28 7.78
C ASN A 212 -23.53 1.04 6.86
N SER A 213 -23.75 0.53 5.67
CA SER A 213 -24.63 1.17 4.69
CA SER A 213 -24.60 1.27 4.74
C SER A 213 -26.06 1.22 5.22
N ILE A 214 -26.52 0.07 5.73
CA ILE A 214 -27.89 -0.01 6.27
C ILE A 214 -28.05 0.94 7.47
N SER A 215 -27.05 0.96 8.36
CA SER A 215 -27.15 1.82 9.50
C SER A 215 -27.10 3.31 9.09
N ALA A 216 -26.32 3.65 8.08
CA ALA A 216 -26.29 5.02 7.56
C ALA A 216 -27.64 5.40 6.96
N ARG A 217 -28.23 4.45 6.23
CA ARG A 217 -29.52 4.69 5.61
C ARG A 217 -30.56 4.94 6.71
N GLU A 218 -30.51 4.15 7.78
CA GLU A 218 -31.47 4.30 8.89
CA GLU A 218 -31.46 4.28 8.90
C GLU A 218 -31.30 5.67 9.55
N TRP A 219 -30.08 6.14 9.72
CA TRP A 219 -29.80 7.47 10.25
C TRP A 219 -30.42 8.55 9.38
N LEU A 220 -30.21 8.42 8.07
CA LEU A 220 -30.72 9.42 7.12
C LEU A 220 -32.23 9.47 7.17
N LEU A 221 -32.85 8.30 7.17
CA LEU A 221 -34.30 8.18 7.16
C LEU A 221 -34.94 8.50 8.50
N ASP A 222 -34.24 8.28 9.61
CA ASP A 222 -34.74 8.76 10.88
CA ASP A 222 -34.70 8.78 10.92
C ASP A 222 -34.92 10.29 10.83
N HIS A 223 -34.04 10.99 10.13
CA HIS A 223 -34.20 12.41 10.00
C HIS A 223 -35.32 12.80 9.04
N TYR A 224 -35.27 12.27 7.83
CA TYR A 224 -36.17 12.72 6.76
C TYR A 224 -37.54 12.04 6.76
N GLU A 225 -37.60 10.80 7.22
CA GLU A 225 -38.88 10.05 7.25
C GLU A 225 -39.52 9.93 5.88
N ASP A 226 -38.70 9.86 4.85
CA ASP A 226 -39.13 9.81 3.45
C ASP A 226 -38.04 9.06 2.69
N GLU A 227 -38.40 7.86 2.20
CA GLU A 227 -37.52 6.97 1.42
CA GLU A 227 -37.39 7.02 1.55
C GLU A 227 -36.89 7.65 0.25
N LYS A 228 -37.61 8.64 -0.32
CA LYS A 228 -37.11 9.35 -1.52
CA LYS A 228 -37.11 9.34 -1.53
C LYS A 228 -35.85 10.16 -1.26
N ALA A 229 -35.54 10.43 0.02
CA ALA A 229 -34.34 11.19 0.35
C ALA A 229 -33.04 10.46 0.03
N VAL A 230 -33.07 9.13 -0.07
CA VAL A 230 -31.83 8.38 -0.30
C VAL A 230 -31.15 8.86 -1.56
N ALA A 231 -31.93 9.09 -2.62
CA ALA A 231 -31.34 9.43 -3.91
C ALA A 231 -30.50 10.71 -3.91
N ASN A 232 -30.81 11.63 -3.01
CA ASN A 232 -30.06 12.88 -2.91
C ASN A 232 -28.85 12.79 -2.00
N HIS A 233 -28.66 11.65 -1.33
CA HIS A 233 -27.66 11.54 -0.28
C HIS A 233 -26.71 10.35 -0.37
N PHE A 234 -26.95 9.44 -1.33
CA PHE A 234 -26.11 8.27 -1.51
C PHE A 234 -25.77 8.08 -2.98
N VAL A 235 -24.52 7.74 -3.22
CA VAL A 235 -24.04 7.17 -4.48
C VAL A 235 -23.33 5.85 -4.16
N ALA A 236 -23.12 5.02 -5.20
CA ALA A 236 -22.49 3.70 -5.01
C ALA A 236 -21.41 3.50 -6.03
N ILE A 237 -20.41 2.71 -5.67
CA ILE A 237 -19.40 2.20 -6.59
C ILE A 237 -19.56 0.72 -6.48
N SER A 238 -20.21 0.13 -7.49
CA SER A 238 -20.64 -1.27 -7.40
C SER A 238 -21.00 -1.78 -8.78
N SER A 239 -20.92 -3.09 -8.96
CA SER A 239 -21.48 -3.80 -10.13
C SER A 239 -22.82 -4.43 -9.89
N LYS A 240 -23.31 -4.42 -8.65
CA LYS A 240 -24.54 -5.12 -8.27
C LYS A 240 -25.74 -4.19 -8.40
N LEU A 241 -26.13 -3.96 -9.66
CA LEU A 241 -27.08 -2.91 -9.94
C LEU A 241 -28.43 -3.10 -9.26
N ASP A 242 -28.91 -4.33 -9.17
CA ASP A 242 -30.22 -4.56 -8.54
C ASP A 242 -30.26 -4.16 -7.07
N LYS A 243 -29.18 -4.50 -6.34
CA LYS A 243 -29.14 -4.18 -4.92
CA LYS A 243 -29.12 -4.18 -4.91
C LYS A 243 -28.96 -2.67 -4.70
N VAL A 244 -28.22 -2.01 -5.58
CA VAL A 244 -28.05 -0.56 -5.53
C VAL A 244 -29.38 0.16 -5.74
N LYS A 245 -30.14 -0.27 -6.76
CA LYS A 245 -31.45 0.30 -7.01
C LYS A 245 -32.39 0.04 -5.82
N GLU A 246 -32.38 -1.18 -5.28
CA GLU A 246 -33.25 -1.53 -4.14
CA GLU A 246 -33.25 -1.53 -4.14
C GLU A 246 -32.96 -0.65 -2.90
N PHE A 247 -31.68 -0.25 -2.74
CA PHE A 247 -31.28 0.61 -1.60
C PHE A 247 -31.86 2.01 -1.75
N GLY A 248 -32.14 2.42 -3.00
CA GLY A 248 -32.71 3.71 -3.32
C GLY A 248 -31.81 4.66 -4.04
N ILE A 249 -30.68 4.16 -4.53
CA ILE A 249 -29.73 4.94 -5.29
C ILE A 249 -30.07 4.91 -6.78
N ASP A 250 -29.99 6.09 -7.39
CA ASP A 250 -30.24 6.27 -8.81
CA ASP A 250 -30.24 6.26 -8.82
C ASP A 250 -29.13 5.54 -9.60
N LEU A 251 -29.46 4.76 -10.64
CA LEU A 251 -28.35 4.09 -11.34
CA LEU A 251 -28.51 4.10 -11.57
C LEU A 251 -27.43 5.04 -12.14
N GLU A 252 -27.87 6.28 -12.40
CA GLU A 252 -26.98 7.39 -12.85
CA GLU A 252 -26.94 7.31 -12.91
C GLU A 252 -25.82 7.60 -11.89
N HIS A 253 -26.06 7.28 -10.62
CA HIS A 253 -25.08 7.46 -9.56
C HIS A 253 -24.57 6.13 -9.01
N CYS A 254 -24.51 5.12 -9.89
CA CYS A 254 -23.80 3.89 -9.63
C CYS A 254 -22.62 3.86 -10.59
N TYR A 255 -21.45 3.87 -10.01
CA TYR A 255 -20.15 3.95 -10.70
C TYR A 255 -19.49 2.57 -10.83
N LYS A 256 -18.64 2.49 -11.81
CA LYS A 256 -18.14 1.21 -12.32
C LYS A 256 -16.96 0.67 -11.55
N TRP A 258 -14.44 -2.56 -12.52
CA TRP A 258 -14.13 -3.62 -13.43
C TRP A 258 -13.39 -4.77 -12.77
N ASP A 259 -13.63 -6.00 -13.23
CA ASP A 259 -13.03 -7.18 -12.63
CA ASP A 259 -13.02 -7.14 -12.56
C ASP A 259 -11.50 -7.21 -12.75
N TRP A 260 -10.96 -6.44 -13.68
CA TRP A 260 -9.51 -6.31 -13.88
C TRP A 260 -8.84 -5.28 -12.98
N VAL A 261 -9.60 -4.70 -12.08
CA VAL A 261 -9.07 -3.78 -11.04
C VAL A 261 -9.20 -4.48 -9.67
N GLY A 262 -8.05 -4.93 -9.13
CA GLY A 262 -8.06 -5.56 -7.80
C GLY A 262 -8.38 -4.49 -6.77
N GLY A 263 -9.04 -4.88 -5.68
CA GLY A 263 -9.38 -3.91 -4.63
C GLY A 263 -8.15 -3.16 -4.11
N ARG A 264 -7.06 -3.88 -3.91
CA ARG A 264 -5.85 -3.30 -3.38
C ARG A 264 -5.02 -2.50 -4.42
N TYR A 265 -5.59 -2.37 -5.62
CA TYR A 265 -5.05 -1.59 -6.73
C TYR A 265 -6.10 -0.64 -7.29
N SER A 266 -7.07 -0.26 -6.46
CA SER A 266 -8.29 0.38 -6.95
C SER A 266 -8.39 1.88 -6.69
N LEU A 267 -7.46 2.51 -5.95
CA LEU A 267 -7.65 3.95 -5.67
C LEU A 267 -7.63 4.80 -6.94
N TRP A 268 -7.05 4.26 -8.01
CA TRP A 268 -6.92 4.96 -9.31
C TRP A 268 -8.25 4.99 -10.10
N SER A 269 -9.20 4.14 -9.68
CA SER A 269 -10.48 3.95 -10.36
C SER A 269 -11.54 4.86 -9.75
N SER A 270 -12.81 4.62 -10.06
CA SER A 270 -13.88 5.37 -9.42
C SER A 270 -13.90 5.23 -7.89
N ILE A 271 -13.29 4.15 -7.38
CA ILE A 271 -13.13 3.94 -5.95
C ILE A 271 -12.40 5.12 -5.32
N GLY A 272 -11.54 5.79 -6.08
CA GLY A 272 -10.82 6.97 -5.58
C GLY A 272 -11.60 8.26 -5.57
N SER A 274 -13.49 9.75 -3.51
CA SER A 274 -13.30 10.52 -2.28
C SER A 274 -11.99 11.36 -2.30
N ILE A 275 -10.96 10.88 -2.99
CA ILE A 275 -9.73 11.68 -3.19
C ILE A 275 -10.10 12.95 -3.94
N ALA A 276 -10.77 12.82 -5.08
CA ALA A 276 -11.20 13.99 -5.86
C ALA A 276 -12.11 14.95 -5.09
N PHE A 277 -12.97 14.39 -4.24
CA PHE A 277 -13.83 15.23 -3.42
C PHE A 277 -13.02 16.07 -2.42
N ALA A 278 -11.81 15.65 -2.07
CA ALA A 278 -10.94 16.45 -1.17
C ALA A 278 -10.04 17.43 -1.94
N ILE A 279 -9.38 16.94 -2.99
CA ILE A 279 -8.32 17.69 -3.67
C ILE A 279 -8.69 18.23 -5.06
N GLY A 280 -9.92 17.99 -5.50
CA GLY A 280 -10.41 18.35 -6.82
C GLY A 280 -9.96 17.38 -7.89
N TYR A 281 -10.69 17.35 -8.99
CA TYR A 281 -10.41 16.42 -10.05
C TYR A 281 -9.08 16.70 -10.75
N ASP A 282 -8.69 17.98 -10.90
CA ASP A 282 -7.43 18.32 -11.57
CA ASP A 282 -7.43 18.27 -11.59
C ASP A 282 -6.27 17.67 -10.83
N ASN A 283 -6.29 17.74 -9.49
CA ASN A 283 -5.24 17.10 -8.68
C ASN A 283 -5.30 15.58 -8.73
N PHE A 284 -6.51 15.02 -8.84
CA PHE A 284 -6.64 13.58 -9.01
C PHE A 284 -5.97 13.17 -10.34
N GLU A 285 -6.16 13.96 -11.39
CA GLU A 285 -5.49 13.68 -12.67
CA GLU A 285 -5.49 13.70 -12.66
C GLU A 285 -3.97 13.73 -12.53
N LYS A 286 -3.45 14.64 -11.70
CA LYS A 286 -2.00 14.72 -11.48
C LYS A 286 -1.49 13.45 -10.75
N LEU A 287 -2.24 13.00 -9.77
CA LEU A 287 -1.95 11.70 -9.10
C LEU A 287 -1.81 10.57 -10.13
N LEU A 288 -2.80 10.47 -11.02
CA LEU A 288 -2.79 9.47 -12.09
CA LEU A 288 -2.73 9.42 -12.01
C LEU A 288 -1.56 9.60 -12.99
N ALA A 289 -1.27 10.84 -13.37
CA ALA A 289 -0.16 11.11 -14.26
C ALA A 289 1.19 10.72 -13.65
N GLY A 290 1.32 10.92 -12.34
CA GLY A 290 2.56 10.47 -11.67
C GLY A 290 2.74 8.98 -11.73
N ALA A 291 1.66 8.23 -11.50
CA ALA A 291 1.69 6.80 -11.65
C ALA A 291 2.02 6.39 -13.10
N TYR A 292 1.40 7.04 -14.08
CA TYR A 292 1.71 6.73 -15.48
C TYR A 292 3.22 6.88 -15.73
N SER A 293 3.82 7.94 -15.17
CA SER A 293 5.25 8.19 -15.42
C SER A 293 6.06 6.95 -15.05
N VAL A 294 5.72 6.34 -13.91
CA VAL A 294 6.41 5.16 -13.40
C VAL A 294 6.04 3.92 -14.20
N ASP A 295 4.78 3.82 -14.64
CA ASP A 295 4.38 2.72 -15.51
C ASP A 295 5.25 2.71 -16.80
N LYS A 296 5.45 3.89 -17.40
CA LYS A 296 6.26 3.99 -18.62
C LYS A 296 7.72 3.62 -18.34
N HIS A 297 8.23 4.09 -17.22
CA HIS A 297 9.58 3.72 -16.78
C HIS A 297 9.72 2.21 -16.65
N PHE A 298 8.78 1.60 -15.95
CA PHE A 298 8.83 0.19 -15.67
C PHE A 298 8.73 -0.68 -16.93
N LYS A 299 7.78 -0.29 -17.79
CA LYS A 299 7.49 -1.01 -19.04
C LYS A 299 8.66 -0.93 -20.04
N GLU A 300 9.40 0.17 -20.03
CA GLU A 300 10.31 0.47 -21.14
C GLU A 300 11.78 0.35 -20.78
N THR A 301 12.10 0.32 -19.49
CA THR A 301 13.52 0.48 -19.08
C THR A 301 14.20 -0.90 -18.88
N GLU A 302 15.41 -1.05 -19.41
CA GLU A 302 16.20 -2.25 -19.16
C GLU A 302 16.34 -2.50 -17.66
N PHE A 303 16.34 -3.78 -17.27
CA PHE A 303 16.25 -4.14 -15.87
C PHE A 303 17.35 -3.52 -14.99
N SER A 304 18.55 -3.33 -15.54
CA SER A 304 19.66 -2.78 -14.75
C SER A 304 19.47 -1.32 -14.31
N LYS A 305 18.51 -0.63 -14.95
CA LYS A 305 18.20 0.76 -14.68
CA LYS A 305 18.22 0.77 -14.67
C LYS A 305 16.76 0.97 -14.28
N ASN A 306 16.08 -0.13 -13.89
CA ASN A 306 14.62 -0.15 -13.66
C ASN A 306 14.34 -0.21 -12.17
N ILE A 307 13.82 0.87 -11.61
CA ILE A 307 13.73 1.02 -10.15
C ILE A 307 12.89 -0.09 -9.48
N PRO A 308 11.66 -0.36 -9.96
CA PRO A 308 10.88 -1.41 -9.32
C PRO A 308 11.56 -2.79 -9.41
N VAL A 309 12.26 -3.07 -10.51
CA VAL A 309 12.97 -4.36 -10.64
C VAL A 309 14.10 -4.44 -9.60
N ILE A 310 14.89 -3.39 -9.46
CA ILE A 310 15.95 -3.37 -8.47
C ILE A 310 15.36 -3.52 -7.03
N ALA A 312 12.63 -5.01 -6.14
CA ALA A 312 12.15 -6.37 -6.00
C ALA A 312 13.32 -7.34 -5.82
N LEU A 313 14.37 -7.18 -6.62
CA LEU A 313 15.52 -8.07 -6.52
C LEU A 313 16.17 -7.98 -5.16
N LEU A 314 16.37 -6.76 -4.67
CA LEU A 314 17.00 -6.61 -3.37
C LEU A 314 16.16 -7.27 -2.28
N ALA A 315 14.85 -7.00 -2.31
CA ALA A 315 13.95 -7.54 -1.26
C ALA A 315 13.95 -9.08 -1.25
N SER A 316 13.79 -9.65 -2.45
CA SER A 316 13.71 -11.11 -2.55
C SER A 316 15.08 -11.75 -2.25
N TYR A 317 16.18 -11.07 -2.61
CA TYR A 317 17.51 -11.55 -2.27
C TYR A 317 17.65 -11.68 -0.75
N TYR A 318 17.27 -10.61 -0.04
CA TYR A 318 17.40 -10.64 1.42
C TYR A 318 16.53 -11.75 2.03
N SER A 319 15.27 -11.88 1.59
CA SER A 319 14.39 -12.81 2.26
C SER A 319 14.71 -14.25 1.89
N CYS A 320 15.41 -14.46 0.76
CA CYS A 320 15.97 -15.75 0.39
C CYS A 320 17.23 -16.10 1.18
N THR A 321 18.23 -15.22 1.11
CA THR A 321 19.58 -15.60 1.53
CA THR A 321 19.60 -15.55 1.49
C THR A 321 19.89 -15.29 2.98
N TYR A 322 19.20 -14.30 3.54
CA TYR A 322 19.39 -13.95 4.94
C TYR A 322 18.23 -14.54 5.80
N ASN A 323 17.26 -15.15 5.13
CA ASN A 323 16.08 -15.75 5.76
C ASN A 323 15.29 -14.76 6.62
N SER A 324 15.39 -13.50 6.26
CA SER A 324 14.63 -12.46 6.91
C SER A 324 13.15 -12.67 6.63
N GLN A 325 12.31 -12.22 7.56
CA GLN A 325 10.87 -12.46 7.54
C GLN A 325 10.07 -11.17 7.66
N SER A 326 10.73 -10.02 7.55
CA SER A 326 10.05 -8.72 7.53
C SER A 326 10.91 -7.70 6.81
N GLN A 327 10.26 -6.60 6.46
CA GLN A 327 10.90 -5.42 5.88
C GLN A 327 10.31 -4.22 6.57
N ALA A 328 11.15 -3.22 6.87
CA ALA A 328 10.72 -1.97 7.49
C ALA A 328 10.69 -0.83 6.46
N LEU A 329 9.63 -0.04 6.52
CA LEU A 329 9.42 1.08 5.66
C LEU A 329 9.23 2.28 6.58
N LEU A 330 10.05 3.30 6.40
CA LEU A 330 10.19 4.42 7.34
C LEU A 330 10.00 5.76 6.57
N PRO A 331 8.73 6.25 6.48
CA PRO A 331 8.48 7.53 5.75
C PRO A 331 8.76 8.69 6.67
N TYR A 332 9.68 9.54 6.28
CA TYR A 332 10.09 10.71 7.08
C TYR A 332 9.23 11.93 6.66
N ASP A 333 7.91 11.77 6.83
CA ASP A 333 6.95 12.85 6.60
C ASP A 333 5.63 12.46 7.25
N GLU A 334 5.12 13.33 8.09
CA GLU A 334 3.85 13.15 8.76
C GLU A 334 2.71 12.85 7.84
N ARG A 335 2.77 13.44 6.65
CA ARG A 335 1.68 13.25 5.69
C ARG A 335 1.52 11.81 5.23
N LEU A 336 2.61 11.05 5.35
CA LEU A 336 2.63 9.67 4.95
C LEU A 336 2.28 8.69 6.09
N CYS A 337 1.55 9.19 7.09
CA CYS A 337 1.18 8.35 8.21
CA CYS A 337 1.13 8.39 8.25
C CYS A 337 0.34 7.10 7.97
N TYR A 338 -0.36 7.02 6.82
CA TYR A 338 -1.11 5.80 6.47
C TYR A 338 -0.43 4.99 5.33
N PHE A 339 0.76 5.42 4.91
CA PHE A 339 1.48 4.81 3.79
C PHE A 339 1.83 3.35 4.07
N VAL A 340 2.40 3.08 5.23
CA VAL A 340 2.71 1.72 5.62
C VAL A 340 1.44 0.86 5.67
N ASP A 341 0.37 1.37 6.27
CA ASP A 341 -0.87 0.62 6.38
C ASP A 341 -1.37 0.21 4.96
N TYR A 342 -1.29 1.16 4.03
CA TYR A 342 -1.73 0.93 2.66
CA TYR A 342 -1.74 0.94 2.66
C TYR A 342 -0.87 -0.14 1.98
N LEU A 343 0.45 -0.02 2.12
CA LEU A 343 1.33 -0.96 1.42
CA LEU A 343 1.41 -0.93 1.50
C LEU A 343 1.31 -2.33 2.08
N GLN A 344 0.96 -2.43 3.37
CA GLN A 344 0.75 -3.75 3.98
C GLN A 344 -0.28 -4.52 3.20
N GLN A 345 -1.41 -3.90 2.85
CA GLN A 345 -2.39 -4.61 1.97
C GLN A 345 -1.84 -4.88 0.60
N ALA A 346 -1.25 -3.88 -0.05
CA ALA A 346 -0.79 -4.10 -1.43
C ALA A 346 0.22 -5.25 -1.49
N ASP A 347 1.13 -5.27 -0.55
CA ASP A 347 2.24 -6.24 -0.54
C ASP A 347 1.79 -7.59 0.01
N GLU A 349 -1.20 -8.91 0.98
CA GLU A 349 -2.36 -9.60 0.42
C GLU A 349 -2.04 -10.16 -0.99
N SER A 350 -1.10 -9.52 -1.67
CA SER A 350 -0.61 -9.99 -2.97
C SER A 350 0.28 -11.20 -2.86
N ASN A 351 1.31 -11.11 -2.00
CA ASN A 351 2.39 -12.08 -2.04
CA ASN A 351 2.39 -12.10 -2.05
C ASN A 351 2.44 -13.09 -0.88
N GLY A 352 1.47 -13.02 0.02
CA GLY A 352 1.30 -14.03 1.06
C GLY A 352 0.57 -15.24 0.51
N LYS A 353 1.32 -16.06 -0.21
CA LYS A 353 0.79 -17.21 -0.95
C LYS A 353 1.74 -18.39 -0.77
N SER A 354 1.16 -19.58 -0.70
CA SER A 354 1.95 -20.78 -0.42
C SER A 354 2.09 -21.74 -1.61
N VAL A 355 1.31 -21.49 -2.66
CA VAL A 355 1.36 -22.29 -3.88
C VAL A 355 1.74 -21.43 -5.08
N ASN A 356 2.40 -22.10 -6.04
CA ASN A 356 2.74 -21.46 -7.30
C ASN A 356 1.53 -21.43 -8.27
N ILE A 357 1.75 -20.88 -9.45
CA ILE A 357 0.72 -20.75 -10.48
C ILE A 357 0.07 -22.11 -10.82
N ALA A 358 0.86 -23.17 -10.76
CA ALA A 358 0.44 -24.54 -11.05
C ALA A 358 -0.28 -25.19 -9.88
N GLY A 359 -0.33 -24.50 -8.75
CA GLY A 359 -0.96 -25.04 -7.56
C GLY A 359 -0.12 -25.93 -6.68
N GLU A 360 1.18 -25.96 -6.91
CA GLU A 360 2.07 -26.79 -6.12
C GLU A 360 2.52 -26.00 -4.91
N THR A 361 2.63 -26.66 -3.76
CA THR A 361 3.17 -26.00 -2.57
C THR A 361 4.66 -25.69 -2.82
N VAL A 362 5.06 -24.44 -2.62
CA VAL A 362 6.46 -24.00 -2.87
C VAL A 362 7.36 -24.31 -1.68
N ASN A 363 8.60 -24.67 -1.98
CA ASN A 363 9.58 -25.00 -0.94
CA ASN A 363 9.60 -25.03 -0.99
C ASN A 363 10.50 -23.85 -0.59
N TYR A 364 10.08 -22.66 -0.91
CA TYR A 364 10.82 -21.43 -0.55
C TYR A 364 9.83 -20.45 0.06
N GLN A 365 10.36 -19.52 0.83
CA GLN A 365 9.55 -18.47 1.46
C GLN A 365 9.06 -17.47 0.40
N THR A 366 7.85 -16.99 0.51
CA THR A 366 7.31 -15.98 -0.39
C THR A 366 7.18 -14.64 0.36
N GLY A 367 6.02 -13.97 0.35
CA GLY A 367 5.93 -12.63 0.88
C GLY A 367 6.16 -12.56 2.36
N VAL A 368 6.87 -11.51 2.80
CA VAL A 368 7.17 -11.31 4.20
C VAL A 368 6.30 -10.18 4.80
N VAL A 369 6.46 -9.99 6.11
CA VAL A 369 5.75 -8.94 6.82
C VAL A 369 6.31 -7.57 6.43
N LEU A 370 5.44 -6.64 6.09
CA LEU A 370 5.79 -5.27 5.86
C LEU A 370 5.33 -4.47 7.06
N TRP A 371 6.22 -3.67 7.65
CA TRP A 371 5.84 -2.86 8.80
C TRP A 371 6.68 -1.59 8.76
N GLY A 372 6.48 -0.69 9.72
CA GLY A 372 7.34 0.46 9.86
C GLY A 372 6.69 1.58 10.59
N GLY A 373 7.05 2.80 10.27
CA GLY A 373 6.53 3.92 11.03
C GLY A 373 7.19 5.22 10.59
N VAL A 374 6.46 6.32 10.74
CA VAL A 374 6.93 7.63 10.40
C VAL A 374 8.13 8.03 11.25
N GLY A 375 9.09 8.65 10.57
CA GLY A 375 10.26 9.29 11.16
C GLY A 375 10.00 10.80 11.26
N THR A 376 10.54 11.45 12.29
CA THR A 376 11.55 10.88 13.20
C THR A 376 10.98 10.07 14.36
N ASN A 377 9.66 10.02 14.52
CA ASN A 377 9.07 9.37 15.66
C ASN A 377 9.58 7.94 15.88
N GLY A 378 9.72 7.15 14.82
CA GLY A 378 10.18 5.77 15.01
C GLY A 378 11.52 5.64 15.67
N GLN A 379 12.36 6.67 15.55
CA GLN A 379 13.66 6.68 16.21
C GLN A 379 13.57 6.53 17.72
N HIS A 380 12.42 6.96 18.25
CA HIS A 380 12.11 6.96 19.66
C HIS A 380 11.14 5.86 20.04
N ALA A 381 10.95 4.89 19.18
CA ALA A 381 10.02 3.78 19.42
C ALA A 381 10.70 2.45 19.15
N PHE A 382 11.13 2.23 17.91
CA PHE A 382 11.64 0.92 17.51
C PHE A 382 12.99 0.91 16.83
N HIS A 383 13.57 2.07 16.50
CA HIS A 383 14.88 2.04 15.89
C HIS A 383 15.93 1.38 16.81
N GLN A 384 15.73 1.43 18.14
CA GLN A 384 16.61 0.67 19.02
C GLN A 384 16.81 -0.78 18.53
N LEU A 385 15.75 -1.43 18.12
CA LEU A 385 15.83 -2.80 17.65
C LEU A 385 16.52 -2.85 16.28
N LEU A 386 16.26 -1.87 15.41
CA LEU A 386 16.95 -1.82 14.11
C LEU A 386 18.48 -1.69 14.28
N HIS A 387 18.92 -0.99 15.33
CA HIS A 387 20.33 -0.76 15.56
C HIS A 387 21.02 -1.87 16.40
N GLN A 388 20.37 -2.35 17.46
CA GLN A 388 21.00 -3.29 18.41
C GLN A 388 20.30 -4.60 18.62
N GLY A 389 19.17 -4.83 17.97
CA GLY A 389 18.56 -6.14 18.00
C GLY A 389 19.37 -7.11 17.16
N ASN A 390 18.91 -8.35 17.12
CA ASN A 390 19.64 -9.40 16.37
C ASN A 390 18.74 -10.08 15.35
N ILE A 391 17.87 -9.26 14.75
CA ILE A 391 16.98 -9.63 13.63
C ILE A 391 17.46 -8.89 12.38
N PHE A 392 17.65 -9.61 11.28
CA PHE A 392 18.02 -9.00 9.99
C PHE A 392 16.75 -8.45 9.30
N ILE A 393 16.71 -7.14 9.08
CA ILE A 393 15.54 -6.46 8.58
C ILE A 393 16.01 -5.41 7.53
N PRO A 394 15.69 -5.62 6.25
CA PRO A 394 15.95 -4.58 5.26
C PRO A 394 15.12 -3.32 5.57
N VAL A 395 15.65 -2.15 5.29
CA VAL A 395 15.03 -0.88 5.61
C VAL A 395 14.94 0.01 4.38
N ASP A 396 13.76 0.53 4.11
CA ASP A 396 13.54 1.61 3.13
C ASP A 396 13.22 2.89 3.91
N PHE A 397 13.90 3.98 3.58
CA PHE A 397 13.57 5.33 4.02
C PHE A 397 12.93 6.09 2.88
N ILE A 398 11.85 6.81 3.15
CA ILE A 398 11.29 7.77 2.19
CA ILE A 398 11.29 7.76 2.19
C ILE A 398 11.54 9.16 2.75
N ALA A 399 12.27 9.99 1.98
CA ALA A 399 12.58 11.36 2.36
C ALA A 399 11.94 12.30 1.35
N ILE A 400 11.51 13.48 1.83
CA ILE A 400 10.90 14.51 0.99
C ILE A 400 11.76 15.75 1.11
N ALA A 401 12.34 16.24 0.01
CA ALA A 401 13.33 17.31 0.12
C ALA A 401 12.74 18.62 0.63
N THR A 402 11.56 18.99 0.11
CA THR A 402 10.89 20.22 0.52
CA THR A 402 10.89 20.24 0.48
C THR A 402 9.49 19.94 0.98
N SER A 403 9.05 20.61 2.05
CA SER A 403 7.73 20.44 2.60
C SER A 403 6.79 21.53 2.10
N HIS A 404 5.75 21.80 2.86
CA HIS A 404 4.69 22.72 2.47
C HIS A 404 4.61 23.94 3.36
N HIS A 405 5.68 24.27 4.04
CA HIS A 405 5.74 25.37 5.00
C HIS A 405 7.14 25.98 4.96
N ASN A 406 7.33 27.03 5.76
CA ASN A 406 8.59 27.75 5.79
C ASN A 406 9.39 27.64 7.10
N TYR A 407 9.11 26.56 7.83
CA TYR A 407 9.93 26.21 9.04
C TYR A 407 11.17 25.43 8.57
N ASP A 408 12.07 26.16 7.91
CA ASP A 408 13.17 25.54 7.21
C ASP A 408 14.10 24.80 8.18
N ASN A 409 14.22 25.29 9.43
CA ASN A 409 15.05 24.60 10.41
C ASN A 409 14.49 23.23 10.77
N HIS A 410 13.16 23.12 10.84
CA HIS A 410 12.55 21.85 11.11
C HIS A 410 12.79 20.87 9.95
N GLN A 411 12.60 21.34 8.72
CA GLN A 411 12.78 20.47 7.55
C GLN A 411 14.22 19.98 7.43
N GLN A 412 15.18 20.87 7.69
CA GLN A 412 16.57 20.48 7.65
C GLN A 412 16.90 19.40 8.70
N ALA A 413 16.37 19.58 9.93
CA ALA A 413 16.58 18.62 10.99
C ALA A 413 15.92 17.26 10.64
N LEU A 414 14.73 17.29 10.04
CA LEU A 414 14.03 16.07 9.64
C LEU A 414 14.89 15.26 8.67
N LEU A 415 15.44 15.93 7.65
CA LEU A 415 16.29 15.28 6.68
C LEU A 415 17.59 14.81 7.29
N ALA A 416 18.22 15.66 8.12
CA ALA A 416 19.47 15.25 8.75
C ALA A 416 19.30 13.97 9.57
N ASN A 417 18.16 13.86 10.26
CA ASN A 417 17.86 12.64 11.03
C ASN A 417 17.65 11.44 10.09
N CYS A 418 16.87 11.61 9.02
CA CYS A 418 16.69 10.54 8.06
C CYS A 418 18.05 10.02 7.60
N PHE A 419 18.92 10.92 7.13
CA PHE A 419 20.22 10.50 6.59
C PHE A 419 21.12 9.92 7.66
N ALA A 420 21.02 10.45 8.87
CA ALA A 420 21.78 9.96 10.02
C ALA A 420 21.41 8.51 10.40
N GLN A 421 20.12 8.16 10.25
CA GLN A 421 19.71 6.84 10.68
C GLN A 421 20.24 5.79 9.66
N SER A 422 20.21 6.08 8.36
CA SER A 422 20.84 5.16 7.39
C SER A 422 22.35 5.13 7.54
N GLN A 423 22.98 6.25 7.86
CA GLN A 423 24.39 6.25 8.12
C GLN A 423 24.72 5.44 9.37
N ALA A 424 23.90 5.54 10.42
CA ALA A 424 24.12 4.75 11.65
C ALA A 424 23.98 3.24 11.39
N LEU A 425 22.98 2.85 10.60
CA LEU A 425 22.81 1.46 10.22
C LEU A 425 24.05 0.94 9.50
N PHE A 427 27.31 2.30 9.53
CA PHE A 427 28.60 2.33 10.21
CA PHE A 427 28.57 2.44 10.26
C PHE A 427 28.62 1.63 11.58
N GLY A 428 27.60 1.76 12.36
CA GLY A 428 27.62 1.31 13.76
C GLY A 428 28.72 2.05 14.56
N GLN A 429 29.09 1.45 15.67
CA GLN A 429 30.18 1.96 16.51
CA GLN A 429 30.17 1.95 16.51
C GLN A 429 30.77 0.78 17.27
N SER A 430 32.10 0.63 17.17
CA SER A 430 32.79 -0.52 17.73
C SER A 430 33.10 -0.34 19.23
N TYR A 431 33.47 -1.44 19.86
CA TYR A 431 33.90 -1.42 21.26
C TYR A 431 35.02 -0.39 21.48
N ASP A 432 36.06 -0.38 20.65
CA ASP A 432 37.17 0.53 20.91
CA ASP A 432 37.17 0.54 20.90
C ASP A 432 36.74 1.99 20.84
N VAL A 434 33.68 3.19 21.38
CA VAL A 434 32.87 3.46 22.54
C VAL A 434 33.72 3.61 23.82
N TYR A 435 34.64 2.69 24.02
CA TYR A 435 35.44 2.69 25.21
C TYR A 435 36.23 4.00 25.32
N ASN A 436 36.85 4.41 24.22
CA ASN A 436 37.61 5.66 24.22
C ASN A 436 36.73 6.86 24.50
N GLU A 437 35.51 6.89 23.95
CA GLU A 437 34.54 7.94 24.19
CA GLU A 437 34.58 7.97 24.20
C GLU A 437 34.16 8.01 25.67
N LEU A 438 33.96 6.84 26.30
CA LEU A 438 33.61 6.81 27.73
C LEU A 438 34.72 7.35 28.62
N LEU A 439 35.96 6.96 28.34
CA LEU A 439 37.10 7.57 29.05
C LEU A 439 37.11 9.09 28.92
N LYS A 440 36.90 9.60 27.71
CA LYS A 440 36.91 11.04 27.48
CA LYS A 440 36.91 11.05 27.49
C LYS A 440 35.75 11.75 28.19
N SER A 441 34.68 11.01 28.46
CA SER A 441 33.50 11.52 29.17
C SER A 441 33.71 11.61 30.69
N GLY A 442 34.81 11.05 31.19
CA GLY A 442 35.12 11.06 32.64
C GLY A 442 34.96 9.73 33.37
N LEU A 443 34.58 8.65 32.69
CA LEU A 443 34.53 7.35 33.34
C LEU A 443 35.94 6.84 33.53
N ASN A 444 36.16 6.09 34.59
CA ASN A 444 37.43 5.41 34.75
C ASN A 444 37.43 4.13 33.95
N GLU A 445 38.58 3.48 33.91
CA GLU A 445 38.76 2.28 33.10
CA GLU A 445 38.79 2.25 33.13
C GLU A 445 37.78 1.17 33.50
N THR A 446 37.59 0.93 34.79
CA THR A 446 36.68 -0.13 35.23
C THR A 446 35.26 0.13 34.75
N GLN A 447 34.82 1.38 34.93
CA GLN A 447 33.48 1.80 34.56
C GLN A 447 33.26 1.70 33.05
N ALA A 448 34.25 2.15 32.30
CA ALA A 448 34.19 2.14 30.83
C ALA A 448 34.18 0.70 30.28
N LYS A 449 35.01 -0.16 30.85
CA LYS A 449 35.02 -1.58 30.52
CA LYS A 449 35.03 -1.58 30.54
C LYS A 449 33.68 -2.26 30.81
N GLU A 450 33.00 -1.89 31.90
CA GLU A 450 31.72 -2.50 32.25
CA GLU A 450 31.73 -2.54 32.25
C GLU A 450 30.60 -2.08 31.31
N LEU A 451 30.65 -0.83 30.85
CA LEU A 451 29.59 -0.25 30.01
C LEU A 451 29.75 -0.43 28.49
N ALA A 452 30.98 -0.40 27.98
CA ALA A 452 31.22 -0.24 26.57
C ALA A 452 30.49 -1.30 25.74
N ALA A 453 30.53 -2.58 26.15
CA ALA A 453 29.86 -3.61 25.32
C ALA A 453 28.38 -3.35 25.11
N HIS A 454 27.76 -2.68 26.07
CA HIS A 454 26.33 -2.40 25.96
C HIS A 454 26.04 -1.30 24.96
N LYS A 455 27.03 -0.49 24.58
CA LYS A 455 26.86 0.61 23.63
CA LYS A 455 26.83 0.61 23.64
C LYS A 455 27.31 0.24 22.22
N VAL A 456 27.89 -0.94 22.06
CA VAL A 456 28.39 -1.32 20.73
C VAL A 456 27.19 -1.48 19.79
N ILE A 457 27.32 -0.92 18.60
CA ILE A 457 26.30 -1.01 17.56
C ILE A 457 26.95 -1.73 16.36
N PRO A 458 26.46 -2.93 16.02
CA PRO A 458 27.24 -3.73 15.04
C PRO A 458 27.40 -3.05 13.68
N GLY A 459 26.36 -2.36 13.20
CA GLY A 459 26.46 -1.72 11.88
C GLY A 459 26.48 -2.77 10.78
N ASN A 460 26.87 -2.31 9.61
CA ASN A 460 26.83 -3.10 8.40
C ASN A 460 25.40 -3.56 8.03
N ARG A 461 24.41 -2.76 8.42
CA ARG A 461 23.02 -3.07 8.18
C ARG A 461 22.50 -2.22 7.00
N PRO A 462 21.76 -2.85 6.07
CA PRO A 462 21.40 -2.25 4.81
C PRO A 462 20.23 -1.27 4.90
N SER A 463 20.21 -0.36 3.94
CA SER A 463 19.06 0.48 3.69
C SER A 463 19.08 1.00 2.26
N THR A 464 17.89 1.42 1.84
CA THR A 464 17.60 2.17 0.63
C THR A 464 17.00 3.49 1.02
N THR A 465 17.37 4.58 0.37
CA THR A 465 16.70 5.88 0.59
C THR A 465 16.07 6.31 -0.73
N ILE A 466 14.77 6.56 -0.70
CA ILE A 466 14.03 7.12 -1.81
C ILE A 466 13.73 8.58 -1.48
N LEU A 467 14.29 9.49 -2.26
CA LEU A 467 14.15 10.92 -2.05
C LEU A 467 13.28 11.53 -3.15
N LEU A 468 12.15 12.12 -2.71
CA LEU A 468 11.30 12.89 -3.58
C LEU A 468 11.61 14.36 -3.45
N ASP A 469 11.44 15.15 -4.52
CA ASP A 469 11.64 16.59 -4.41
C ASP A 469 10.62 17.26 -3.50
N GLU A 470 9.38 16.80 -3.60
CA GLU A 470 8.27 17.28 -2.83
C GLU A 470 7.22 16.19 -2.80
N LEU A 471 6.23 16.35 -1.92
CA LEU A 471 5.11 15.40 -1.82
C LEU A 471 3.84 16.03 -2.42
N SER A 472 3.69 15.88 -3.72
CA SER A 472 2.61 16.46 -4.50
C SER A 472 1.71 15.33 -5.00
N PRO A 473 0.56 15.68 -5.56
CA PRO A 473 -0.25 14.62 -6.15
C PRO A 473 0.57 13.75 -7.13
N TYR A 474 1.33 14.39 -8.00
CA TYR A 474 2.10 13.66 -9.01
C TYR A 474 3.17 12.79 -8.38
N SER A 475 3.95 13.34 -7.44
CA SER A 475 5.03 12.54 -6.88
C SER A 475 4.50 11.37 -6.02
N LEU A 476 3.39 11.58 -5.34
CA LEU A 476 2.79 10.50 -4.55
C LEU A 476 2.33 9.41 -5.50
N GLY A 477 1.71 9.77 -6.63
CA GLY A 477 1.29 8.75 -7.57
C GLY A 477 2.46 7.91 -8.07
N ALA A 478 3.58 8.56 -8.38
CA ALA A 478 4.78 7.89 -8.80
C ALA A 478 5.27 6.93 -7.69
N LEU A 479 5.33 7.42 -6.44
CA LEU A 479 5.79 6.61 -5.32
C LEU A 479 4.99 5.34 -5.14
N ILE A 480 3.66 5.48 -5.14
CA ILE A 480 2.81 4.30 -4.95
C ILE A 480 3.05 3.29 -6.10
N ALA A 481 3.10 3.79 -7.33
CA ALA A 481 3.30 2.92 -8.51
C ALA A 481 4.63 2.16 -8.43
N LEU A 482 5.67 2.79 -7.90
CA LEU A 482 6.95 2.07 -7.74
C LEU A 482 6.77 0.78 -6.91
N TYR A 483 6.04 0.90 -5.80
CA TYR A 483 5.76 -0.26 -4.94
C TYR A 483 4.81 -1.23 -5.58
N GLU A 484 3.80 -0.75 -6.31
CA GLU A 484 2.92 -1.69 -7.04
C GLU A 484 3.75 -2.60 -7.94
N HIS A 485 4.67 -2.00 -8.66
CA HIS A 485 5.47 -2.80 -9.59
C HIS A 485 6.53 -3.65 -8.91
N LYS A 486 7.13 -3.15 -7.82
CA LYS A 486 8.01 -4.01 -7.01
C LYS A 486 7.28 -5.33 -6.64
N ILE A 487 6.05 -5.20 -6.18
CA ILE A 487 5.25 -6.34 -5.70
C ILE A 487 4.99 -7.32 -6.87
N PHE A 488 4.67 -6.77 -8.04
CA PHE A 488 4.48 -7.56 -9.24
C PHE A 488 5.76 -8.35 -9.57
N VAL A 489 6.90 -7.67 -9.59
CA VAL A 489 8.16 -8.34 -9.95
C VAL A 489 8.43 -9.51 -8.95
N GLN A 490 8.27 -9.25 -7.65
CA GLN A 490 8.53 -10.29 -6.71
C GLN A 490 7.64 -11.50 -6.93
N GLY A 491 6.35 -11.29 -7.20
CA GLY A 491 5.44 -12.41 -7.45
C GLY A 491 5.82 -13.19 -8.70
N VAL A 492 6.27 -12.51 -9.74
CA VAL A 492 6.75 -13.19 -10.97
C VAL A 492 7.97 -14.05 -10.63
N LEU A 493 8.94 -13.47 -9.91
CA LEU A 493 10.16 -14.23 -9.61
C LEU A 493 9.85 -15.46 -8.75
N TRP A 494 8.84 -15.36 -7.86
CA TRP A 494 8.44 -16.47 -7.02
C TRP A 494 7.41 -17.40 -7.67
N ASP A 495 7.00 -17.10 -8.90
CA ASP A 495 6.05 -17.93 -9.62
C ASP A 495 4.72 -18.13 -8.93
N ILE A 496 4.24 -17.06 -8.25
CA ILE A 496 2.95 -17.03 -7.58
C ILE A 496 1.99 -16.10 -8.32
N ASN A 497 0.72 -16.17 -7.94
CA ASN A 497 -0.31 -15.26 -8.45
C ASN A 497 -0.50 -14.15 -7.42
N SER A 498 0.01 -12.97 -7.75
CA SER A 498 -0.08 -11.81 -6.83
C SER A 498 -1.47 -11.22 -6.76
N TYR A 499 -2.41 -11.69 -7.61
CA TYR A 499 -3.65 -10.93 -7.87
C TYR A 499 -4.93 -11.56 -7.38
N ASP A 500 -4.81 -12.75 -6.77
CA ASP A 500 -5.93 -13.40 -6.08
C ASP A 500 -5.79 -13.22 -4.54
N GLN A 501 -6.79 -13.70 -3.81
CA GLN A 501 -6.78 -13.61 -2.32
C GLN A 501 -7.76 -14.61 -1.75
N TRP A 502 -7.52 -15.88 -2.04
CA TRP A 502 -8.44 -16.92 -1.61
C TRP A 502 -8.46 -17.18 -0.10
N GLY A 503 -7.41 -16.74 0.57
CA GLY A 503 -7.21 -17.03 1.98
C GLY A 503 -8.22 -16.38 2.90
N VAL A 504 -8.90 -15.34 2.41
CA VAL A 504 -9.83 -14.60 3.26
C VAL A 504 -11.23 -15.21 3.30
N GLU A 505 -11.53 -16.15 2.39
CA GLU A 505 -12.88 -16.70 2.24
CA GLU A 505 -12.89 -16.62 2.30
C GLU A 505 -13.32 -17.51 3.49
N LEU A 506 -12.40 -18.29 4.05
CA LEU A 506 -12.75 -19.19 5.15
C LEU A 506 -13.28 -18.42 6.35
N GLY A 507 -12.60 -17.37 6.75
CA GLY A 507 -13.07 -16.57 7.86
C GLY A 507 -14.42 -15.92 7.66
N LYS A 508 -14.80 -15.61 6.42
CA LYS A 508 -16.12 -15.06 6.15
C LYS A 508 -17.19 -16.12 6.41
N LYS A 509 -16.92 -17.33 5.94
CA LYS A 509 -17.83 -18.45 6.14
C LYS A 509 -17.98 -18.79 7.62
N LEU A 510 -16.85 -18.87 8.33
CA LEU A 510 -16.91 -19.21 9.73
C LEU A 510 -17.58 -18.12 10.55
N GLY A 511 -17.46 -16.87 10.14
CA GLY A 511 -18.08 -15.78 10.80
C GLY A 511 -19.61 -15.90 10.73
N LYS A 512 -20.15 -16.29 9.58
CA LYS A 512 -21.60 -16.51 9.44
CA LYS A 512 -21.60 -16.49 9.45
C LYS A 512 -22.09 -17.59 10.37
N ASN A 513 -21.29 -18.66 10.47
CA ASN A 513 -21.64 -19.80 11.32
C ASN A 513 -21.63 -19.39 12.81
N ILE A 514 -20.63 -18.61 13.19
CA ILE A 514 -20.51 -18.15 14.59
C ILE A 514 -21.63 -17.15 14.96
N LEU A 515 -22.06 -16.31 14.01
CA LEU A 515 -23.17 -15.41 14.24
CA LEU A 515 -23.13 -15.40 14.30
C LEU A 515 -24.42 -16.22 14.53
N LYS A 516 -24.64 -17.29 13.76
CA LYS A 516 -25.79 -18.18 13.99
CA LYS A 516 -25.80 -18.16 14.00
C LYS A 516 -25.72 -18.82 15.38
N ALA A 517 -24.53 -19.31 15.75
CA ALA A 517 -24.33 -19.91 17.06
C ALA A 517 -24.54 -18.92 18.22
N ASN A 519 -26.64 -16.67 18.26
CA ASN A 519 -28.07 -16.35 18.35
C ASN A 519 -28.93 -17.53 18.70
N ASP A 520 -28.34 -18.72 18.74
CA ASP A 520 -29.12 -19.95 18.96
C ASP A 520 -28.22 -21.11 19.40
N ASP A 521 -28.17 -21.34 20.72
CA ASP A 521 -27.32 -22.39 21.24
C ASP A 521 -27.84 -23.82 21.05
N SER A 522 -29.00 -23.96 20.41
CA SER A 522 -29.52 -25.27 19.99
C SER A 522 -29.15 -25.60 18.53
N SER A 523 -28.48 -24.68 17.84
CA SER A 523 -28.24 -24.85 16.44
C SER A 523 -27.14 -25.87 16.21
N ASP A 524 -27.11 -26.42 15.00
CA ASP A 524 -26.01 -27.30 14.59
C ASP A 524 -24.71 -26.50 14.66
N GLU A 525 -24.77 -25.23 14.29
CA GLU A 525 -23.59 -24.36 14.33
C GLU A 525 -22.94 -24.29 15.74
N TYR A 526 -23.77 -24.12 16.75
CA TYR A 526 -23.26 -24.06 18.11
C TYR A 526 -22.69 -25.41 18.55
N GLN A 527 -23.42 -26.48 18.21
CA GLN A 527 -22.99 -27.84 18.52
CA GLN A 527 -22.96 -27.82 18.57
C GLN A 527 -21.64 -28.17 17.91
N ASN A 528 -21.37 -27.66 16.72
CA ASN A 528 -20.17 -28.02 15.96
C ASN A 528 -18.94 -27.19 16.31
N LEU A 529 -19.13 -26.16 17.12
CA LEU A 529 -18.01 -25.31 17.52
C LEU A 529 -16.91 -26.08 18.25
N ASP A 530 -15.65 -25.65 18.03
CA ASP A 530 -14.59 -25.96 18.96
C ASP A 530 -14.91 -25.26 20.30
N ASP A 531 -14.40 -25.82 21.38
CA ASP A 531 -14.79 -25.32 22.70
C ASP A 531 -14.16 -23.95 23.04
N SER A 532 -13.06 -23.59 22.39
CA SER A 532 -12.52 -22.24 22.59
C SER A 532 -13.51 -21.20 22.09
N THR A 533 -13.94 -21.36 20.84
CA THR A 533 -14.95 -20.46 20.27
C THR A 533 -16.23 -20.47 21.13
N ARG A 534 -16.63 -21.66 21.55
CA ARG A 534 -17.88 -21.76 22.35
C ARG A 534 -17.78 -20.99 23.69
N GLN A 535 -16.65 -21.12 24.36
CA GLN A 535 -16.49 -20.47 25.66
C GLN A 535 -16.29 -18.97 25.51
N LEU A 536 -15.72 -18.51 24.39
CA LEU A 536 -15.63 -17.06 24.12
C LEU A 536 -17.00 -16.47 23.90
N ILE A 537 -17.86 -17.19 23.17
CA ILE A 537 -19.25 -16.73 22.98
C ILE A 537 -19.95 -16.68 24.34
N ALA A 538 -19.78 -17.69 25.18
CA ALA A 538 -20.40 -17.71 26.49
C ALA A 538 -19.95 -16.56 27.38
N LYS A 539 -18.66 -16.23 27.33
CA LYS A 539 -18.12 -15.13 28.15
C LYS A 539 -18.71 -13.81 27.71
N VAL A 540 -18.96 -13.67 26.42
CA VAL A 540 -19.54 -12.45 25.90
C VAL A 540 -20.96 -12.29 26.43
N LYS A 541 -21.74 -13.37 26.35
CA LYS A 541 -23.16 -13.35 26.73
CA LYS A 541 -23.16 -13.40 26.71
C LYS A 541 -23.39 -13.19 28.21
N ASN A 542 -22.49 -13.71 29.03
CA ASN A 542 -22.76 -13.73 30.49
C ASN A 542 -22.09 -12.56 31.18
N LYS A 543 -21.44 -11.71 30.38
CA LYS A 543 -21.13 -10.32 30.73
C LYS A 543 -22.14 -9.72 31.69
#